data_7O92
#
_entry.id   7O92
#
_cell.length_a   45.089
_cell.length_b   39.842
_cell.length_c   78.210
_cell.angle_alpha   90.000
_cell.angle_beta   103.360
_cell.angle_gamma   90.000
#
_symmetry.space_group_name_H-M   'P 1 21 1'
#
_entity_poly.entity_id   1
_entity_poly.type   'polypeptide(L)'
_entity_poly.pdbx_seq_one_letter_code
;GGGSGMKQLEDKVEELLSKVYHLENEVARLKKLFAETATKAETATKAETATKKDIAGMATKHDIAQLDKRMKQLEWKVEE
LLSKVYHLENEVARLKKL
;
_entity_poly.pdbx_strand_id   A,B,C
#
# COMPACT_ATOMS: atom_id res chain seq x y z
N MET A 6 12.58 -63.08 -24.33
CA MET A 6 12.94 -61.94 -25.22
C MET A 6 11.72 -61.08 -25.55
N LYS A 7 10.58 -61.71 -25.78
CA LYS A 7 9.33 -60.99 -26.02
C LYS A 7 8.85 -60.30 -24.75
N GLN A 8 9.23 -60.83 -23.59
CA GLN A 8 8.98 -60.18 -22.30
C GLN A 8 9.77 -58.89 -22.19
N LEU A 9 11.05 -58.96 -22.57
CA LEU A 9 11.94 -57.80 -22.57
C LEU A 9 11.53 -56.78 -23.63
N GLU A 10 11.09 -57.28 -24.79
CA GLU A 10 10.62 -56.43 -25.89
C GLU A 10 9.45 -55.55 -25.46
N ASP A 11 8.51 -56.14 -24.72
CA ASP A 11 7.34 -55.42 -24.20
C ASP A 11 7.74 -54.38 -23.15
N LYS A 12 8.56 -54.79 -22.19
CA LYS A 12 9.09 -53.87 -21.17
C LYS A 12 9.65 -52.60 -21.81
N VAL A 13 10.47 -52.79 -22.85
CA VAL A 13 11.05 -51.66 -23.58
C VAL A 13 9.94 -50.77 -24.16
N GLU A 14 8.91 -51.39 -24.72
CA GLU A 14 7.77 -50.65 -25.25
C GLU A 14 7.06 -49.85 -24.13
N GLU A 15 6.88 -50.49 -22.97
CA GLU A 15 6.31 -49.82 -21.81
C GLU A 15 7.16 -48.61 -21.37
N LEU A 16 8.48 -48.79 -21.33
CA LEU A 16 9.39 -47.70 -20.96
C LEU A 16 9.32 -46.54 -21.95
N LEU A 17 9.21 -46.86 -23.23
CA LEU A 17 9.14 -45.84 -24.26
C LEU A 17 7.95 -44.91 -24.04
N SER A 18 6.77 -45.49 -23.85
CA SER A 18 5.59 -44.67 -23.59
C SER A 18 5.77 -43.85 -22.33
N LYS A 19 6.22 -44.48 -21.25
CA LYS A 19 6.43 -43.80 -20.00
C LYS A 19 7.41 -42.62 -20.13
N VAL A 20 8.54 -42.86 -20.81
CA VAL A 20 9.50 -41.78 -21.06
C VAL A 20 8.85 -40.66 -21.87
N TYR A 21 8.08 -41.02 -22.90
CA TYR A 21 7.40 -40.04 -23.73
C TYR A 21 6.45 -39.18 -22.91
N HIS A 22 5.69 -39.82 -22.02
CA HIS A 22 4.79 -39.10 -21.12
C HIS A 22 5.59 -38.13 -20.25
N LEU A 23 6.67 -38.62 -19.67
CA LEU A 23 7.48 -37.81 -18.78
C LEU A 23 8.05 -36.59 -19.49
N GLU A 24 8.59 -36.82 -20.69
CA GLU A 24 9.03 -35.72 -21.54
C GLU A 24 7.95 -34.64 -21.69
N ASN A 25 6.72 -35.04 -22.00
CA ASN A 25 5.63 -34.08 -22.12
C ASN A 25 5.35 -33.39 -20.80
N GLU A 26 5.26 -34.17 -19.73
CA GLU A 26 4.95 -33.65 -18.41
C GLU A 26 5.99 -32.62 -17.96
N VAL A 27 7.26 -32.92 -18.17
CA VAL A 27 8.33 -32.00 -17.80
C VAL A 27 8.28 -30.73 -18.65
N ALA A 28 8.06 -30.87 -19.95
CA ALA A 28 7.92 -29.72 -20.83
C ALA A 28 6.83 -28.78 -20.33
N ARG A 29 5.69 -29.34 -19.96
CA ARG A 29 4.58 -28.56 -19.45
C ARG A 29 5.06 -27.75 -18.24
N LEU A 30 5.64 -28.45 -17.26
CA LEU A 30 6.16 -27.83 -16.06
C LEU A 30 7.19 -26.74 -16.36
N LYS A 31 8.08 -26.99 -17.32
CA LYS A 31 8.99 -25.96 -17.80
C LYS A 31 8.23 -24.72 -18.22
N LYS A 32 7.25 -24.89 -19.12
CA LYS A 32 6.43 -23.79 -19.61
C LYS A 32 5.71 -23.11 -18.46
N LEU A 33 5.00 -23.90 -17.67
CA LEU A 33 4.19 -23.37 -16.57
C LEU A 33 5.04 -22.59 -15.56
N PHE A 34 6.25 -23.08 -15.28
CA PHE A 34 7.14 -22.38 -14.36
C PHE A 34 7.54 -21.01 -14.89
N ALA A 35 7.67 -20.91 -16.21
CA ALA A 35 8.00 -19.61 -16.83
C ALA A 35 7.05 -18.49 -16.39
N GLU A 36 5.77 -18.81 -16.18
CA GLU A 36 4.78 -17.79 -15.81
C GLU A 36 4.64 -17.60 -14.30
N THR A 37 5.38 -18.37 -13.48
CA THR A 37 5.29 -18.24 -12.02
C THR A 37 6.20 -17.14 -11.48
N ALA A 38 5.84 -16.63 -10.32
CA ALA A 38 6.57 -15.52 -9.71
C ALA A 38 7.51 -16.02 -8.62
N THR A 39 8.69 -15.40 -8.53
CA THR A 39 9.70 -15.79 -7.55
C THR A 39 9.41 -15.13 -6.21
N LYS A 40 9.92 -15.72 -5.13
CA LYS A 40 9.75 -15.14 -3.79
C LYS A 40 10.43 -13.78 -3.70
N ALA A 41 11.61 -13.68 -4.32
CA ALA A 41 12.39 -12.44 -4.32
C ALA A 41 11.62 -11.27 -4.92
N GLU A 42 11.13 -11.45 -6.14
CA GLU A 42 10.47 -10.38 -6.90
C GLU A 42 9.08 -10.00 -6.39
N THR A 43 8.36 -10.93 -5.78
CA THR A 43 7.01 -10.65 -5.30
C THR A 43 6.98 -10.24 -3.85
N ALA A 44 5.87 -9.61 -3.46
CA ALA A 44 5.67 -9.09 -2.13
C ALA A 44 4.65 -9.94 -1.38
N THR A 45 4.96 -10.25 -0.12
CA THR A 45 4.11 -11.11 0.70
C THR A 45 2.84 -10.40 1.13
N LYS A 46 1.82 -11.18 1.50
CA LYS A 46 0.57 -10.60 2.03
C LYS A 46 0.83 -9.86 3.35
N ALA A 47 1.71 -10.42 4.17
CA ALA A 47 2.00 -9.88 5.50
C ALA A 47 2.67 -8.50 5.46
N GLU A 48 3.57 -8.30 4.49
CA GLU A 48 4.32 -7.05 4.39
C GLU A 48 3.73 -6.00 3.44
N THR A 49 2.57 -6.26 2.83
CA THR A 49 1.98 -5.31 1.88
C THR A 49 0.64 -4.77 2.34
N ALA A 50 0.41 -3.51 2.01
CA ALA A 50 -0.80 -2.81 2.38
C ALA A 50 -1.88 -3.04 1.33
N THR A 51 -3.02 -3.53 1.76
CA THR A 51 -4.14 -3.79 0.86
C THR A 51 -4.90 -2.52 0.52
N LYS A 52 -5.79 -2.62 -0.45
CA LYS A 52 -6.66 -1.50 -0.80
C LYS A 52 -7.63 -1.20 0.34
N LYS A 53 -7.95 -2.21 1.15
CA LYS A 53 -8.72 -2.03 2.36
C LYS A 53 -8.01 -1.08 3.33
N ASP A 54 -6.72 -1.34 3.57
CA ASP A 54 -5.91 -0.53 4.49
C ASP A 54 -5.84 0.94 4.09
N ILE A 55 -5.90 1.23 2.79
CA ILE A 55 -5.77 2.59 2.27
C ILE A 55 -7.13 3.18 1.85
N ALA A 56 -8.20 2.49 2.20
CA ALA A 56 -9.56 2.98 1.93
C ALA A 56 -9.80 4.31 2.62
N GLY A 57 -9.38 4.41 3.89
CA GLY A 57 -9.47 5.65 4.65
C GLY A 57 -8.17 6.42 4.68
N MET A 58 -7.55 6.59 3.51
CA MET A 58 -6.30 7.35 3.39
C MET A 58 -6.61 8.83 3.11
N ALA A 59 -5.86 9.73 3.74
CA ALA A 59 -5.99 11.16 3.47
C ALA A 59 -5.09 11.53 2.30
N THR A 60 -5.60 12.35 1.39
CA THR A 60 -4.83 12.77 0.23
C THR A 60 -4.03 14.02 0.57
N LYS A 61 -3.14 14.41 -0.34
CA LYS A 61 -2.40 15.67 -0.21
C LYS A 61 -3.26 16.84 -0.68
N HIS A 62 -4.37 16.56 -1.36
CA HIS A 62 -5.31 17.60 -1.74
C HIS A 62 -6.35 17.91 -0.65
N ASP A 63 -6.73 16.91 0.13
CA ASP A 63 -7.50 17.15 1.36
C ASP A 63 -6.75 18.15 2.24
N ILE A 64 -5.49 17.86 2.45
CA ILE A 64 -4.62 18.71 3.25
C ILE A 64 -4.45 20.08 2.62
N ALA A 65 -4.27 20.12 1.30
CA ALA A 65 -4.20 21.38 0.58
C ALA A 65 -5.46 22.20 0.79
N GLN A 66 -6.62 21.55 0.74
CA GLN A 66 -7.90 22.21 1.04
C GLN A 66 -7.92 22.86 2.40
N LEU A 67 -7.41 22.14 3.41
CA LEU A 67 -7.29 22.68 4.77
C LEU A 67 -6.28 23.83 4.84
N ASP A 68 -5.13 23.66 4.20
CA ASP A 68 -4.12 24.72 4.13
C ASP A 68 -4.72 26.01 3.55
N LYS A 69 -5.44 25.88 2.45
CA LYS A 69 -6.16 27.02 1.85
C LYS A 69 -6.97 27.77 2.90
N ARG A 70 -7.83 27.03 3.59
CA ARG A 70 -8.75 27.59 4.59
C ARG A 70 -8.00 28.20 5.76
N MET A 71 -6.93 27.53 6.18
CA MET A 71 -6.07 28.06 7.23
C MET A 71 -5.50 29.43 6.84
N LYS A 72 -4.97 29.54 5.63
CA LYS A 72 -4.44 30.80 5.08
C LYS A 72 -5.49 31.92 5.07
N GLN A 73 -6.70 31.59 4.66
CA GLN A 73 -7.80 32.54 4.70
C GLN A 73 -8.08 33.03 6.12
N LEU A 74 -8.19 32.10 7.06
CA LEU A 74 -8.38 32.44 8.45
C LEU A 74 -7.24 33.29 8.95
N GLU A 75 -6.02 32.91 8.61
CA GLU A 75 -4.84 33.65 9.06
C GLU A 75 -4.92 35.11 8.64
N TRP A 76 -5.35 35.34 7.40
CA TRP A 76 -5.54 36.71 6.91
C TRP A 76 -6.64 37.46 7.68
N LYS A 77 -7.78 36.82 7.88
CA LYS A 77 -8.87 37.42 8.65
C LYS A 77 -8.45 37.74 10.09
N VAL A 78 -7.71 36.83 10.71
CA VAL A 78 -7.24 37.07 12.08
C VAL A 78 -6.27 38.25 12.14
N GLU A 79 -5.38 38.38 11.17
CA GLU A 79 -4.53 39.58 11.11
C GLU A 79 -5.35 40.86 11.05
N GLU A 80 -6.33 40.89 10.16
CA GLU A 80 -7.15 42.08 10.00
C GLU A 80 -7.83 42.43 11.32
N LEU A 81 -8.34 41.41 12.00
CA LEU A 81 -9.00 41.59 13.27
C LEU A 81 -8.06 42.16 14.33
N LEU A 82 -6.85 41.65 14.39
CA LEU A 82 -5.85 42.19 15.29
C LEU A 82 -5.65 43.66 15.04
N SER A 83 -5.52 44.02 13.77
CA SER A 83 -5.37 45.42 13.40
C SER A 83 -6.58 46.24 13.89
N LYS A 84 -7.79 45.78 13.57
CA LYS A 84 -9.01 46.48 13.98
C LYS A 84 -9.11 46.63 15.51
N VAL A 85 -8.78 45.58 16.23
CA VAL A 85 -8.89 45.59 17.68
C VAL A 85 -7.89 46.53 18.35
N TYR A 86 -6.62 46.45 17.93
CA TYR A 86 -5.56 47.36 18.39
C TYR A 86 -6.00 48.83 18.23
N HIS A 87 -6.59 49.16 17.09
CA HIS A 87 -7.03 50.52 16.83
C HIS A 87 -8.14 50.93 17.78
N LEU A 88 -9.10 50.02 17.99
CA LEU A 88 -10.21 50.26 18.91
C LEU A 88 -9.74 50.46 20.34
N GLU A 89 -8.76 49.66 20.77
CA GLU A 89 -8.19 49.83 22.10
C GLU A 89 -7.64 51.24 22.29
N ASN A 90 -6.92 51.75 21.30
CA ASN A 90 -6.41 53.11 21.38
C ASN A 90 -7.55 54.13 21.39
N GLU A 91 -8.53 53.91 20.53
CA GLU A 91 -9.66 54.83 20.40
C GLU A 91 -10.42 54.91 21.74
N VAL A 92 -10.68 53.77 22.36
CA VAL A 92 -11.36 53.70 23.66
C VAL A 92 -10.50 54.32 24.78
N ALA A 93 -9.22 53.99 24.80
CA ALA A 93 -8.27 54.62 25.73
C ALA A 93 -8.32 56.14 25.61
N ARG A 94 -8.23 56.63 24.38
CA ARG A 94 -8.31 58.08 24.12
C ARG A 94 -9.61 58.66 24.67
N LEU A 95 -10.72 57.93 24.49
CA LEU A 95 -12.01 58.38 25.01
C LEU A 95 -12.05 58.49 26.54
N LYS A 96 -11.38 57.56 27.23
CA LYS A 96 -11.35 57.55 28.69
C LYS A 96 -10.59 58.71 29.32
N LYS A 97 -9.62 59.29 28.61
CA LYS A 97 -8.73 60.30 29.21
C LYS A 97 -9.36 61.69 29.26
N MET B 6 22.65 -60.69 -23.05
CA MET B 6 21.19 -60.57 -22.79
C MET B 6 20.89 -60.23 -21.33
N LYS B 7 21.64 -60.84 -20.41
CA LYS B 7 21.53 -60.53 -18.98
C LYS B 7 22.04 -59.12 -18.68
N GLN B 8 22.95 -58.62 -19.52
CA GLN B 8 23.40 -57.23 -19.46
C GLN B 8 22.25 -56.28 -19.82
N LEU B 9 21.54 -56.61 -20.90
CA LEU B 9 20.39 -55.83 -21.36
C LEU B 9 19.22 -55.94 -20.39
N GLU B 10 19.04 -57.13 -19.81
CA GLU B 10 17.98 -57.38 -18.83
C GLU B 10 18.14 -56.45 -17.61
N ASP B 11 19.38 -56.31 -17.14
CA ASP B 11 19.69 -55.45 -16.00
C ASP B 11 19.46 -53.97 -16.34
N LYS B 12 19.99 -53.53 -17.48
CA LYS B 12 19.76 -52.17 -17.96
C LYS B 12 18.28 -51.80 -17.91
N VAL B 13 17.44 -52.68 -18.44
CA VAL B 13 15.99 -52.47 -18.42
C VAL B 13 15.49 -52.31 -16.98
N GLU B 14 15.99 -53.15 -16.07
CA GLU B 14 15.62 -53.04 -14.65
C GLU B 14 16.06 -51.68 -14.09
N GLU B 15 17.27 -51.24 -14.43
CA GLU B 15 17.77 -49.93 -14.01
C GLU B 15 16.87 -48.80 -14.53
N LEU B 16 16.49 -48.88 -15.80
CA LEU B 16 15.60 -47.88 -16.40
C LEU B 16 14.24 -47.85 -15.71
N LEU B 17 13.72 -49.01 -15.36
CA LEU B 17 12.42 -49.09 -14.71
C LEU B 17 12.42 -48.31 -13.40
N SER B 18 13.41 -48.56 -12.55
CA SER B 18 13.50 -47.83 -11.28
C SER B 18 13.65 -46.34 -11.52
N LYS B 19 14.56 -45.96 -12.43
CA LYS B 19 14.77 -44.56 -12.76
C LYS B 19 13.50 -43.87 -13.26
N VAL B 20 12.78 -44.52 -14.17
CA VAL B 20 11.51 -43.99 -14.63
C VAL B 20 10.53 -43.85 -13.47
N TYR B 21 10.47 -44.86 -12.60
CA TYR B 21 9.58 -44.84 -11.46
C TYR B 21 9.88 -43.66 -10.55
N HIS B 22 11.16 -43.43 -10.29
CA HIS B 22 11.59 -42.28 -9.49
C HIS B 22 11.15 -40.98 -10.13
N LEU B 23 11.39 -40.86 -11.44
CA LEU B 23 11.01 -39.65 -12.16
C LEU B 23 9.52 -39.40 -12.10
N GLU B 24 8.73 -40.45 -12.32
CA GLU B 24 7.28 -40.38 -12.15
C GLU B 24 6.89 -39.79 -10.80
N ASN B 25 7.49 -40.27 -9.72
CA ASN B 25 7.20 -39.73 -8.41
C ASN B 25 7.60 -38.26 -8.29
N GLU B 26 8.81 -37.95 -8.74
CA GLU B 26 9.33 -36.59 -8.63
C GLU B 26 8.47 -35.60 -9.43
N VAL B 27 8.05 -36.00 -10.63
CA VAL B 27 7.19 -35.14 -11.44
C VAL B 27 5.81 -34.94 -10.80
N ALA B 28 5.23 -36.02 -10.26
CA ALA B 28 3.96 -35.93 -9.56
C ALA B 28 4.03 -34.90 -8.43
N ARG B 29 5.10 -34.96 -7.65
CA ARG B 29 5.28 -34.01 -6.58
C ARG B 29 5.26 -32.59 -7.14
N LEU B 30 6.11 -32.36 -8.14
CA LEU B 30 6.19 -31.06 -8.79
C LEU B 30 4.84 -30.59 -9.32
N LYS B 31 4.08 -31.50 -9.92
CA LYS B 31 2.71 -31.20 -10.34
C LYS B 31 1.90 -30.64 -9.18
N LYS B 32 1.86 -31.38 -8.07
CA LYS B 32 1.14 -30.95 -6.86
C LYS B 32 1.66 -29.61 -6.36
N LEU B 33 2.97 -29.55 -6.17
CA LEU B 33 3.60 -28.33 -5.64
C LEU B 33 3.38 -27.09 -6.52
N PHE B 34 3.42 -27.27 -7.83
CA PHE B 34 3.15 -26.15 -8.74
C PHE B 34 1.71 -25.65 -8.62
N ALA B 35 0.77 -26.54 -8.29
CA ALA B 35 -0.61 -26.13 -8.05
C ALA B 35 -0.72 -24.99 -7.04
N GLU B 36 0.13 -25.00 -6.01
CA GLU B 36 0.05 -23.99 -4.95
C GLU B 36 0.86 -22.72 -5.25
N THR B 37 1.58 -22.68 -6.37
CA THR B 37 2.43 -21.51 -6.70
C THR B 37 1.65 -20.41 -7.40
N ALA B 38 2.13 -19.18 -7.25
CA ALA B 38 1.46 -18.00 -7.78
C ALA B 38 2.07 -17.55 -9.10
N THR B 39 1.21 -17.09 -10.01
CA THR B 39 1.66 -16.64 -11.33
C THR B 39 2.17 -15.21 -11.27
N LYS B 40 3.03 -14.84 -12.22
CA LYS B 40 3.56 -13.49 -12.30
C LYS B 40 2.42 -12.50 -12.56
N ALA B 41 1.48 -12.89 -13.42
CA ALA B 41 0.33 -12.06 -13.78
C ALA B 41 -0.50 -11.67 -12.56
N GLU B 42 -0.95 -12.68 -11.81
CA GLU B 42 -1.86 -12.48 -10.68
C GLU B 42 -1.21 -11.81 -9.45
N THR B 43 0.09 -12.01 -9.24
CA THR B 43 0.75 -11.43 -8.07
C THR B 43 1.40 -10.09 -8.36
N ALA B 44 1.69 -9.37 -7.29
CA ALA B 44 2.23 -8.01 -7.36
C ALA B 44 3.67 -8.00 -6.88
N THR B 45 4.54 -7.29 -7.61
CA THR B 45 5.97 -7.24 -7.32
C THR B 45 6.26 -6.38 -6.10
N LYS B 46 7.43 -6.60 -5.49
CA LYS B 46 7.86 -5.76 -4.36
C LYS B 46 8.03 -4.31 -4.77
N ALA B 47 8.55 -4.10 -5.97
CA ALA B 47 8.84 -2.76 -6.49
C ALA B 47 7.60 -1.90 -6.67
N GLU B 48 6.52 -2.51 -7.17
CA GLU B 48 5.30 -1.77 -7.49
C GLU B 48 4.25 -1.74 -6.36
N THR B 49 4.54 -2.34 -5.21
CA THR B 49 3.56 -2.39 -4.11
C THR B 49 4.02 -1.63 -2.89
N ALA B 50 3.06 -1.02 -2.21
CA ALA B 50 3.32 -0.27 -1.00
C ALA B 50 3.26 -1.18 0.21
N THR B 51 4.33 -1.20 0.99
CA THR B 51 4.39 -2.04 2.19
C THR B 51 3.65 -1.40 3.35
N LYS B 52 3.46 -2.18 4.41
CA LYS B 52 2.86 -1.66 5.64
C LYS B 52 3.79 -0.63 6.29
N LYS B 53 5.11 -0.75 6.04
CA LYS B 53 6.08 0.27 6.45
C LYS B 53 5.75 1.62 5.81
N ASP B 54 5.55 1.61 4.49
CA ASP B 54 5.25 2.83 3.72
C ASP B 54 3.99 3.56 4.23
N ILE B 55 3.00 2.82 4.73
CA ILE B 55 1.74 3.41 5.19
C ILE B 55 1.67 3.51 6.71
N ALA B 56 2.80 3.28 7.39
CA ALA B 56 2.86 3.40 8.85
C ALA B 56 2.51 4.83 9.26
N GLY B 57 3.06 5.81 8.53
CA GLY B 57 2.75 7.22 8.76
C GLY B 57 1.71 7.74 7.78
N MET B 58 0.61 7.00 7.63
CA MET B 58 -0.50 7.41 6.75
C MET B 58 -1.50 8.23 7.55
N ALA B 59 -2.01 9.29 6.94
CA ALA B 59 -3.04 10.11 7.58
C ALA B 59 -4.40 9.53 7.24
N THR B 60 -5.27 9.45 8.24
CA THR B 60 -6.61 8.92 8.05
C THR B 60 -7.55 10.03 7.59
N LYS B 61 -8.75 9.65 7.18
CA LYS B 61 -9.80 10.63 6.87
C LYS B 61 -10.48 11.14 8.14
N HIS B 62 -10.23 10.48 9.27
CA HIS B 62 -10.70 10.95 10.56
C HIS B 62 -9.79 12.00 11.17
N ASP B 63 -8.48 11.82 11.00
CA ASP B 63 -7.53 12.86 11.39
C ASP B 63 -7.95 14.16 10.74
N ILE B 64 -8.16 14.09 9.43
CA ILE B 64 -8.58 15.25 8.66
C ILE B 64 -9.94 15.78 9.10
N ALA B 65 -10.87 14.87 9.39
CA ALA B 65 -12.16 15.25 9.93
C ALA B 65 -11.99 15.99 11.24
N GLN B 66 -11.11 15.51 12.11
CA GLN B 66 -10.79 16.19 13.38
C GLN B 66 -10.32 17.65 13.13
N LEU B 67 -9.46 17.83 12.13
CA LEU B 67 -9.00 19.17 11.75
C LEU B 67 -10.11 20.02 11.14
N ASP B 68 -10.91 19.42 10.26
CA ASP B 68 -12.06 20.13 9.66
C ASP B 68 -13.01 20.66 10.74
N LYS B 69 -13.31 19.82 11.71
CA LYS B 69 -14.11 20.18 12.86
C LYS B 69 -13.58 21.46 13.51
N ARG B 70 -12.29 21.45 13.86
CA ARG B 70 -11.64 22.58 14.52
C ARG B 70 -11.59 23.84 13.64
N MET B 71 -11.34 23.62 12.36
CA MET B 71 -11.35 24.71 11.40
C MET B 71 -12.71 25.40 11.38
N LYS B 72 -13.78 24.59 11.30
CA LYS B 72 -15.16 25.11 11.30
C LYS B 72 -15.45 25.90 12.56
N GLN B 73 -15.00 25.41 13.71
CA GLN B 73 -15.16 26.12 14.96
C GLN B 73 -14.49 27.47 14.93
N LEU B 74 -13.23 27.50 14.49
CA LEU B 74 -12.51 28.77 14.31
C LEU B 74 -13.23 29.68 13.34
N GLU B 75 -13.67 29.13 12.21
CA GLU B 75 -14.38 29.92 11.20
C GLU B 75 -15.59 30.62 11.80
N TRP B 76 -16.33 29.88 12.62
CA TRP B 76 -17.48 30.40 13.31
C TRP B 76 -17.10 31.49 14.31
N LYS B 77 -16.07 31.25 15.11
CA LYS B 77 -15.60 32.26 16.05
C LYS B 77 -15.11 33.51 15.35
N VAL B 78 -14.40 33.35 14.24
CA VAL B 78 -13.93 34.51 13.47
C VAL B 78 -15.10 35.34 12.89
N GLU B 79 -16.13 34.68 12.38
CA GLU B 79 -17.32 35.41 11.94
C GLU B 79 -17.91 36.23 13.10
N GLU B 80 -18.11 35.60 14.24
CA GLU B 80 -18.69 36.29 15.38
C GLU B 80 -17.85 37.53 15.74
N LEU B 81 -16.54 37.35 15.74
CA LEU B 81 -15.63 38.44 16.07
C LEU B 81 -15.76 39.61 15.07
N LEU B 82 -15.84 39.28 13.79
CA LEU B 82 -16.05 40.32 12.78
C LEU B 82 -17.30 41.11 13.10
N SER B 83 -18.36 40.39 13.44
CA SER B 83 -19.62 41.02 13.80
C SER B 83 -19.41 41.93 15.00
N LYS B 84 -18.82 41.39 16.07
CA LYS B 84 -18.61 42.17 17.30
C LYS B 84 -17.74 43.42 17.06
N VAL B 85 -16.70 43.27 16.26
CA VAL B 85 -15.78 44.37 16.01
C VAL B 85 -16.45 45.50 15.22
N TYR B 86 -17.13 45.12 14.13
CA TYR B 86 -17.87 46.09 13.33
C TYR B 86 -18.81 46.92 14.19
N HIS B 87 -19.52 46.25 15.10
CA HIS B 87 -20.47 46.93 15.96
C HIS B 87 -19.76 47.91 16.87
N LEU B 88 -18.65 47.47 17.43
CA LEU B 88 -17.84 48.31 18.30
C LEU B 88 -17.32 49.56 17.58
N GLU B 89 -16.87 49.38 16.35
CA GLU B 89 -16.42 50.52 15.55
C GLU B 89 -17.52 51.58 15.42
N ASN B 90 -18.74 51.14 15.15
CA ASN B 90 -19.85 52.08 15.06
C ASN B 90 -20.14 52.70 16.41
N GLU B 91 -20.11 51.89 17.46
CA GLU B 91 -20.41 52.36 18.78
C GLU B 91 -19.41 53.44 19.22
N VAL B 92 -18.13 53.20 18.98
CA VAL B 92 -17.08 54.17 19.27
C VAL B 92 -17.20 55.44 18.40
N ALA B 93 -17.44 55.24 17.10
CA ALA B 93 -17.70 56.36 16.19
C ALA B 93 -18.84 57.22 16.73
N ARG B 94 -19.94 56.57 17.10
CA ARG B 94 -21.10 57.26 17.65
C ARG B 94 -20.73 58.05 18.89
N LEU B 95 -19.89 57.48 19.75
CA LEU B 95 -19.41 58.16 20.95
C LEU B 95 -18.60 59.42 20.64
N LYS B 96 -17.80 59.37 19.57
CA LYS B 96 -16.97 60.52 19.18
C LYS B 96 -17.76 61.72 18.66
N LYS B 97 -18.98 61.50 18.13
CA LYS B 97 -19.77 62.56 17.49
C LYS B 97 -20.54 63.40 18.49
N MET C 6 17.93 -57.97 -31.85
CA MET C 6 18.56 -57.72 -30.51
C MET C 6 19.35 -56.42 -30.50
N LYS C 7 20.09 -56.15 -31.58
CA LYS C 7 20.83 -54.90 -31.73
C LYS C 7 19.88 -53.72 -31.90
N GLN C 8 18.68 -53.98 -32.43
CA GLN C 8 17.62 -52.97 -32.51
C GLN C 8 17.14 -52.59 -31.10
N LEU C 9 16.92 -53.61 -30.27
CA LEU C 9 16.49 -53.42 -28.89
C LEU C 9 17.61 -52.80 -28.06
N GLU C 10 18.85 -53.20 -28.32
CA GLU C 10 20.02 -52.66 -27.63
C GLU C 10 20.13 -51.15 -27.81
N ASP C 11 19.90 -50.69 -29.04
CA ASP C 11 19.94 -49.26 -29.37
C ASP C 11 18.81 -48.48 -28.69
N LYS C 12 17.59 -48.99 -28.79
CA LYS C 12 16.45 -48.38 -28.10
C LYS C 12 16.77 -48.13 -26.63
N VAL C 13 17.30 -49.14 -25.96
CA VAL C 13 17.68 -49.01 -24.56
C VAL C 13 18.70 -47.88 -24.37
N GLU C 14 19.66 -47.79 -25.26
CA GLU C 14 20.64 -46.70 -25.21
C GLU C 14 19.96 -45.34 -25.37
N GLU C 15 19.01 -45.24 -26.30
CA GLU C 15 18.25 -44.01 -26.50
C GLU C 15 17.47 -43.64 -25.23
N LEU C 16 16.83 -44.62 -24.60
CA LEU C 16 16.10 -44.39 -23.35
C LEU C 16 17.01 -43.92 -22.22
N LEU C 17 18.21 -44.49 -22.14
CA LEU C 17 19.15 -44.12 -21.10
C LEU C 17 19.51 -42.63 -21.16
N SER C 18 19.87 -42.15 -22.34
CA SER C 18 20.19 -40.73 -22.50
C SER C 18 18.97 -39.87 -22.14
N LYS C 19 17.81 -40.24 -22.66
CA LYS C 19 16.57 -39.52 -22.39
C LYS C 19 16.23 -39.45 -20.90
N VAL C 20 16.33 -40.59 -20.22
CA VAL C 20 16.15 -40.61 -18.77
C VAL C 20 17.15 -39.71 -18.06
N TYR C 21 18.42 -39.76 -18.50
CA TYR C 21 19.46 -38.94 -17.89
C TYR C 21 19.16 -37.46 -18.03
N HIS C 22 18.70 -37.07 -19.22
CA HIS C 22 18.28 -35.68 -19.46
C HIS C 22 17.13 -35.29 -18.52
N LEU C 23 16.13 -36.16 -18.43
CA LEU C 23 14.97 -35.89 -17.60
C LEU C 23 15.37 -35.72 -16.15
N GLU C 24 16.22 -36.61 -15.66
CA GLU C 24 16.79 -36.48 -14.31
C GLU C 24 17.37 -35.10 -14.06
N ASN C 25 18.17 -34.60 -14.99
CA ASN C 25 18.74 -33.26 -14.86
C ASN C 25 17.65 -32.19 -14.88
N GLU C 26 16.73 -32.30 -15.84
CA GLU C 26 15.63 -31.34 -16.00
C GLU C 26 14.75 -31.27 -14.74
N VAL C 27 14.43 -32.41 -14.17
CA VAL C 27 13.63 -32.45 -12.95
C VAL C 27 14.38 -31.83 -11.75
N ALA C 28 15.67 -32.16 -11.61
CA ALA C 28 16.48 -31.57 -10.55
C ALA C 28 16.46 -30.05 -10.62
N ARG C 29 16.62 -29.51 -11.83
CA ARG C 29 16.55 -28.07 -12.01
C ARG C 29 15.22 -27.54 -11.49
N LEU C 30 14.13 -28.12 -11.98
CA LEU C 30 12.79 -27.73 -11.56
C LEU C 30 12.59 -27.81 -10.06
N LYS C 31 13.12 -28.86 -9.43
CA LYS C 31 13.13 -28.96 -7.97
C LYS C 31 13.75 -27.72 -7.35
N LYS C 32 14.99 -27.41 -7.78
CA LYS C 32 15.70 -26.23 -7.28
C LYS C 32 14.90 -24.97 -7.54
N LEU C 33 14.52 -24.78 -8.79
CA LEU C 33 13.81 -23.57 -9.21
C LEU C 33 12.52 -23.36 -8.45
N PHE C 34 11.79 -24.43 -8.20
CA PHE C 34 10.55 -24.33 -7.44
C PHE C 34 10.80 -23.82 -6.02
N ALA C 35 11.95 -24.19 -5.45
CA ALA C 35 12.32 -23.71 -4.10
C ALA C 35 12.25 -22.18 -3.98
N GLU C 36 12.60 -21.46 -5.04
CA GLU C 36 12.60 -20.00 -4.97
C GLU C 36 11.28 -19.35 -5.43
N THR C 37 10.28 -20.15 -5.82
CA THR C 37 8.98 -19.60 -6.25
C THR C 37 8.06 -19.32 -5.07
N ALA C 38 7.12 -18.41 -5.27
CA ALA C 38 6.22 -17.97 -4.21
C ALA C 38 4.87 -18.66 -4.31
N THR C 39 4.29 -18.99 -3.15
CA THR C 39 3.00 -19.67 -3.08
C THR C 39 1.86 -18.66 -3.19
N LYS C 40 0.68 -19.14 -3.60
CA LYS C 40 -0.49 -18.27 -3.69
C LYS C 40 -0.88 -17.74 -2.32
N ALA C 41 -0.78 -18.62 -1.32
CA ALA C 41 -1.14 -18.28 0.06
C ALA C 41 -0.33 -17.10 0.58
N GLU C 42 1.00 -17.22 0.50
CA GLU C 42 1.92 -16.23 1.08
C GLU C 42 2.00 -14.91 0.30
N THR C 43 1.74 -14.92 -1.00
CA THR C 43 1.83 -13.70 -1.80
C THR C 43 0.49 -13.01 -1.94
N ALA C 44 0.56 -11.73 -2.30
CA ALA C 44 -0.61 -10.87 -2.38
C ALA C 44 -0.91 -10.55 -3.84
N THR C 45 -2.19 -10.62 -4.20
CA THR C 45 -2.63 -10.42 -5.57
C THR C 45 -2.56 -8.95 -5.97
N LYS C 46 -2.51 -8.69 -7.27
CA LYS C 46 -2.54 -7.32 -7.78
C LYS C 46 -3.85 -6.62 -7.42
N ALA C 47 -4.95 -7.37 -7.48
CA ALA C 47 -6.29 -6.84 -7.22
C ALA C 47 -6.48 -6.36 -5.78
N GLU C 48 -5.92 -7.09 -4.82
CA GLU C 48 -6.11 -6.78 -3.40
C GLU C 48 -5.02 -5.91 -2.77
N THR C 49 -4.02 -5.48 -3.54
CA THR C 49 -2.90 -4.69 -3.00
C THR C 49 -2.82 -3.28 -3.57
N ALA C 50 -2.42 -2.35 -2.70
CA ALA C 50 -2.27 -0.96 -3.07
C ALA C 50 -0.86 -0.71 -3.60
N THR C 51 -0.79 -0.15 -4.80
CA THR C 51 0.49 0.13 -5.44
C THR C 51 1.11 1.41 -4.89
N LYS C 52 2.37 1.64 -5.23
CA LYS C 52 3.05 2.88 -4.87
C LYS C 52 2.42 4.07 -5.58
N LYS C 53 1.82 3.83 -6.75
CA LYS C 53 1.02 4.85 -7.45
C LYS C 53 -0.15 5.30 -6.57
N ASP C 54 -0.90 4.35 -6.03
CA ASP C 54 -2.06 4.63 -5.18
C ASP C 54 -1.73 5.47 -3.94
N ILE C 55 -0.52 5.30 -3.40
CA ILE C 55 -0.11 6.03 -2.19
C ILE C 55 0.83 7.21 -2.52
N ALA C 56 0.97 7.55 -3.79
CA ALA C 56 1.79 8.69 -4.20
C ALA C 56 1.26 9.97 -3.57
N GLY C 57 -0.06 10.13 -3.59
CA GLY C 57 -0.73 11.27 -2.95
C GLY C 57 -1.27 10.91 -1.57
N MET C 58 -0.44 10.28 -0.74
CA MET C 58 -0.81 9.92 0.62
C MET C 58 -0.41 11.05 1.56
N ALA C 59 -1.28 11.38 2.51
CA ALA C 59 -0.95 12.38 3.52
C ALA C 59 -0.23 11.70 4.68
N THR C 60 0.83 12.34 5.17
CA THR C 60 1.58 11.80 6.30
C THR C 60 0.96 12.25 7.62
N LYS C 61 1.44 11.69 8.72
CA LYS C 61 1.06 12.16 10.06
C LYS C 61 1.84 13.41 10.47
N HIS C 62 2.90 13.74 9.74
CA HIS C 62 3.63 14.98 9.97
C HIS C 62 2.99 16.16 9.24
N ASP C 63 2.44 15.91 8.04
CA ASP C 63 1.65 16.94 7.36
C ASP C 63 0.56 17.41 8.29
N ILE C 64 -0.15 16.44 8.85
CA ILE C 64 -1.23 16.72 9.78
C ILE C 64 -0.73 17.41 11.04
N ALA C 65 0.41 16.96 11.55
CA ALA C 65 1.04 17.60 12.70
C ALA C 65 1.36 19.06 12.39
N GLN C 66 1.88 19.33 11.20
CA GLN C 66 2.12 20.70 10.77
C GLN C 66 0.86 21.54 10.82
N LEU C 67 -0.25 20.99 10.33
CA LEU C 67 -1.54 21.68 10.34
C LEU C 67 -2.05 21.87 11.76
N ASP C 68 -1.92 20.83 12.60
CA ASP C 68 -2.32 20.92 14.01
C ASP C 68 -1.59 22.09 14.70
N LYS C 69 -0.28 22.16 14.49
CA LYS C 69 0.52 23.27 15.04
C LYS C 69 -0.08 24.62 14.69
N ARG C 70 -0.33 24.82 13.39
CA ARG C 70 -0.88 26.08 12.90
C ARG C 70 -2.28 26.37 13.43
N MET C 71 -3.10 25.32 13.49
CA MET C 71 -4.42 25.42 14.03
C MET C 71 -4.37 25.91 15.47
N LYS C 72 -3.51 25.29 16.27
CA LYS C 72 -3.30 25.67 17.67
C LYS C 72 -2.91 27.14 17.83
N GLN C 73 -1.98 27.61 16.99
CA GLN C 73 -1.57 29.02 16.99
C GLN C 73 -2.75 29.95 16.71
N LEU C 74 -3.53 29.63 15.68
CA LEU C 74 -4.76 30.37 15.40
C LEU C 74 -5.75 30.31 16.57
N GLU C 75 -5.94 29.12 17.12
CA GLU C 75 -6.87 28.94 18.23
C GLU C 75 -6.53 29.86 19.38
N TRP C 76 -5.22 29.95 19.69
CA TRP C 76 -4.74 30.85 20.74
C TRP C 76 -5.03 32.30 20.42
N LYS C 77 -4.70 32.72 19.19
CA LYS C 77 -4.97 34.09 18.77
C LYS C 77 -6.45 34.43 18.83
N VAL C 78 -7.30 33.51 18.37
CA VAL C 78 -8.75 33.75 18.41
C VAL C 78 -9.26 33.88 19.84
N GLU C 79 -8.79 33.04 20.76
CA GLU C 79 -9.16 33.20 22.17
C GLU C 79 -8.77 34.57 22.68
N GLU C 80 -7.53 35.01 22.42
CA GLU C 80 -7.06 36.29 22.90
C GLU C 80 -7.96 37.39 22.39
N LEU C 81 -8.34 37.31 21.11
CA LEU C 81 -9.21 38.30 20.48
C LEU C 81 -10.58 38.33 21.16
N LEU C 82 -11.14 37.17 21.44
CA LEU C 82 -12.41 37.12 22.16
C LEU C 82 -12.27 37.84 23.50
N SER C 83 -11.16 37.59 24.18
CA SER C 83 -10.90 38.24 25.46
C SER C 83 -10.84 39.75 25.28
N LYS C 84 -10.04 40.21 24.33
CA LYS C 84 -9.88 41.64 24.07
C LYS C 84 -11.21 42.31 23.70
N VAL C 85 -12.01 41.64 22.87
CA VAL C 85 -13.28 42.18 22.43
C VAL C 85 -14.30 42.30 23.56
N TYR C 86 -14.45 41.24 24.34
CA TYR C 86 -15.31 41.25 25.53
C TYR C 86 -14.98 42.41 26.46
N HIS C 87 -13.70 42.64 26.69
CA HIS C 87 -13.26 43.71 27.58
C HIS C 87 -13.65 45.06 27.01
N LEU C 88 -13.44 45.23 25.70
CA LEU C 88 -13.80 46.46 25.01
C LEU C 88 -15.29 46.73 25.08
N GLU C 89 -16.09 45.69 24.90
CA GLU C 89 -17.55 45.84 25.01
C GLU C 89 -17.94 46.40 26.38
N ASN C 90 -17.35 45.88 27.44
CA ASN C 90 -17.62 46.41 28.78
C ASN C 90 -17.13 47.86 28.91
N GLU C 91 -15.93 48.12 28.41
CA GLU C 91 -15.34 49.45 28.48
C GLU C 91 -16.22 50.48 27.77
N VAL C 92 -16.68 50.14 26.57
CA VAL C 92 -17.60 51.00 25.80
C VAL C 92 -18.96 51.15 26.50
N ALA C 93 -19.52 50.03 26.99
CA ALA C 93 -20.76 50.07 27.76
C ALA C 93 -20.62 51.04 28.93
N ARG C 94 -19.52 50.90 29.67
CA ARG C 94 -19.23 51.76 30.80
C ARG C 94 -19.20 53.22 30.38
N LEU C 95 -18.59 53.49 29.22
CA LEU C 95 -18.54 54.85 28.68
C LEU C 95 -19.92 55.42 28.36
N LYS C 96 -20.82 54.58 27.87
CA LYS C 96 -22.18 55.01 27.51
C LYS C 96 -23.08 55.34 28.71
N LYS C 97 -22.84 54.68 29.85
CA LYS C 97 -23.65 54.85 31.05
C LYS C 97 -23.18 56.05 31.87
N LEU C 98 -21.87 56.08 32.16
CA LEU C 98 -21.25 57.20 32.88
C LEU C 98 -20.08 57.75 32.06
#